data_7SGW
#
_entry.id   7SGW
#
_cell.length_a   82.272
_cell.length_b   82.272
_cell.length_c   134.995
_cell.angle_alpha   90.000
_cell.angle_beta   90.000
_cell.angle_gamma   120.000
#
_symmetry.space_group_name_H-M   'P 32 2 1'
#
loop_
_entity.id
_entity.type
_entity.pdbx_description
1 polymer 'Non-structural protein 3'
2 non-polymer N-(naphthalen-1-yl)pyridine-3-carboxamide
3 non-polymer 'ZINC ION'
4 non-polymer 'CHLORIDE ION'
5 water water
#
_entity_poly.entity_id   1
_entity_poly.type   'polypeptide(L)'
_entity_poly.pdbx_seq_one_letter_code
;SNAEVRTIKVFTTVDNINLHTQVVDMSMTYGQQFGPTYLDGADVTKIKPHNSHEGKTFYVLPNDDTLRVEAFEYYHTTDP
SFLGRYMSALNHTKKWKYPQVNGLTSIKWADNNCYLATALLTLQQIELKFNPPALQDAYYRARAGEAANFCALILAYCNK
TVGELGDVRETMSYLFQHANLDSCKRVLNVVCKTCGQQQTTLKGVEAVMYMGTLSYEQFKKGVQIPCTCGKQATKYLVQQ
ESPFVMMSAPPAQYELKHGTFTCASEYTGNYQCGHYKHITSKETLYCIDGALLTKSSEYKGPITDVFYKENSYTTTIK
;
_entity_poly.pdbx_strand_id   A
#
loop_
_chem_comp.id
_chem_comp.type
_chem_comp.name
_chem_comp.formula
CL non-polymer 'CHLORIDE ION' 'Cl -1'
L30 non-polymer N-(naphthalen-1-yl)pyridine-3-carboxamide 'C16 H12 N2 O'
ZN non-polymer 'ZINC ION' 'Zn 2'
#
# COMPACT_ATOMS: atom_id res chain seq x y z
N ARG A 6 -25.48 -36.28 12.22
CA ARG A 6 -25.03 -36.11 10.79
C ARG A 6 -23.96 -34.99 10.65
N THR A 7 -22.73 -35.34 10.28
CA THR A 7 -21.56 -34.46 10.41
C THR A 7 -20.65 -34.57 9.19
N ILE A 8 -19.83 -33.54 8.95
CA ILE A 8 -18.64 -33.58 8.07
C ILE A 8 -17.42 -33.06 8.86
N LYS A 9 -16.24 -33.41 8.36
CA LYS A 9 -14.93 -32.85 8.78
C LYS A 9 -14.64 -31.61 7.91
N VAL A 10 -14.33 -30.51 8.59
CA VAL A 10 -13.78 -29.27 7.97
C VAL A 10 -12.58 -28.79 8.79
N PHE A 11 -11.84 -27.83 8.26
CA PHE A 11 -10.68 -27.15 8.89
C PHE A 11 -11.03 -25.68 9.04
N THR A 12 -10.78 -25.10 10.22
CA THR A 12 -10.89 -23.65 10.44
C THR A 12 -9.46 -23.12 10.46
N THR A 13 -9.32 -21.83 10.19
CA THR A 13 -8.01 -21.17 10.09
C THR A 13 -8.23 -19.67 10.30
N VAL A 14 -7.15 -18.99 10.61
CA VAL A 14 -7.07 -17.51 10.48
C VAL A 14 -6.00 -17.14 9.47
N ASP A 15 -5.07 -18.06 9.13
CA ASP A 15 -3.89 -17.68 8.27
C ASP A 15 -3.79 -18.52 7.00
N ASN A 16 -4.69 -19.47 6.81
CA ASN A 16 -4.75 -20.42 5.67
C ASN A 16 -3.51 -21.32 5.60
N ILE A 17 -2.76 -21.43 6.69
CA ILE A 17 -1.58 -22.34 6.79
C ILE A 17 -1.85 -23.33 7.93
N ASN A 18 -2.05 -22.81 9.14
CA ASN A 18 -2.34 -23.63 10.35
C ASN A 18 -3.83 -23.92 10.34
N LEU A 19 -4.13 -25.21 10.26
CA LEU A 19 -5.49 -25.75 10.16
C LEU A 19 -5.91 -26.32 11.51
N HIS A 20 -7.19 -26.20 11.79
CA HIS A 20 -7.79 -26.72 13.03
C HIS A 20 -8.93 -27.66 12.64
N THR A 21 -8.80 -28.95 12.92
CA THR A 21 -9.82 -29.98 12.55
C THR A 21 -11.09 -29.66 13.34
N GLN A 22 -12.21 -29.62 12.64
CA GLN A 22 -13.56 -29.49 13.25
C GLN A 22 -14.49 -30.56 12.67
N VAL A 23 -15.38 -31.06 13.51
CA VAL A 23 -16.52 -31.91 13.09
C VAL A 23 -17.78 -31.08 13.28
N VAL A 24 -18.47 -30.77 12.19
CA VAL A 24 -19.64 -29.85 12.22
C VAL A 24 -20.92 -30.66 12.04
N ASP A 25 -21.97 -30.27 12.75
CA ASP A 25 -23.35 -30.82 12.64
C ASP A 25 -23.99 -30.22 11.39
N MET A 26 -24.37 -31.02 10.40
CA MET A 26 -24.84 -30.54 9.08
C MET A 26 -26.24 -29.93 9.21
N SER A 27 -26.85 -29.97 10.40
CA SER A 27 -28.21 -29.42 10.63
C SER A 27 -28.10 -28.02 11.25
N MET A 28 -26.88 -27.54 11.50
CA MET A 28 -26.66 -26.22 12.16
C MET A 28 -25.81 -25.35 11.23
N THR A 29 -25.97 -24.03 11.32
CA THR A 29 -25.21 -23.11 10.44
C THR A 29 -23.76 -23.11 10.92
N TYR A 30 -22.85 -22.71 10.05
CA TYR A 30 -21.45 -22.42 10.46
C TYR A 30 -21.52 -21.40 11.58
N GLY A 31 -22.40 -20.41 11.44
CA GLY A 31 -22.57 -19.32 12.42
C GLY A 31 -22.81 -19.85 13.82
N GLN A 32 -23.76 -20.78 13.95
CA GLN A 32 -24.15 -21.36 15.27
C GLN A 32 -22.97 -22.15 15.84
N GLN A 33 -22.00 -22.60 15.03
CA GLN A 33 -20.95 -23.52 15.55
C GLN A 33 -19.61 -22.76 15.73
N PHE A 34 -19.28 -21.83 14.84
CA PHE A 34 -17.96 -21.16 14.82
C PHE A 34 -18.07 -19.66 15.07
N GLY A 35 -19.27 -19.07 15.00
CA GLY A 35 -19.45 -17.62 14.74
C GLY A 35 -19.18 -17.29 13.27
N PRO A 36 -18.88 -16.03 12.92
CA PRO A 36 -18.73 -15.63 11.52
C PRO A 36 -17.70 -16.53 10.84
N THR A 37 -18.06 -17.05 9.67
CA THR A 37 -17.29 -18.07 8.93
C THR A 37 -17.25 -17.70 7.45
N TYR A 38 -16.09 -17.85 6.83
CA TYR A 38 -15.89 -17.50 5.41
C TYR A 38 -15.27 -18.68 4.65
N LEU A 39 -15.65 -18.82 3.39
CA LEU A 39 -15.05 -19.80 2.46
C LEU A 39 -14.51 -19.01 1.28
N ASP A 40 -13.19 -18.90 1.23
CA ASP A 40 -12.42 -18.12 0.23
C ASP A 40 -13.08 -16.74 0.00
N GLY A 41 -13.42 -16.01 1.08
CA GLY A 41 -13.98 -14.65 1.05
C GLY A 41 -15.51 -14.59 1.19
N ALA A 42 -16.23 -15.65 0.76
CA ALA A 42 -17.70 -15.72 0.82
C ALA A 42 -18.13 -15.96 2.27
N ASP A 43 -19.09 -15.19 2.73
CA ASP A 43 -19.64 -15.27 4.10
C ASP A 43 -20.61 -16.46 4.16
N VAL A 44 -20.26 -17.55 4.84
CA VAL A 44 -21.12 -18.77 4.93
C VAL A 44 -21.72 -18.86 6.33
N THR A 45 -21.67 -17.78 7.12
CA THR A 45 -22.18 -17.76 8.51
C THR A 45 -23.63 -18.30 8.57
N LYS A 46 -24.48 -17.99 7.59
CA LYS A 46 -25.94 -18.29 7.68
C LYS A 46 -26.25 -19.60 6.95
N ILE A 47 -25.24 -20.21 6.32
CA ILE A 47 -25.36 -21.42 5.46
C ILE A 47 -25.10 -22.68 6.31
N LYS A 48 -25.73 -23.81 5.99
CA LYS A 48 -25.49 -25.10 6.69
C LYS A 48 -24.44 -25.90 5.91
N PRO A 49 -23.62 -26.75 6.57
CA PRO A 49 -22.66 -27.57 5.84
C PRO A 49 -23.26 -28.47 4.75
N HIS A 50 -22.71 -28.42 3.52
CA HIS A 50 -22.99 -29.36 2.39
CA HIS A 50 -23.01 -29.38 2.41
C HIS A 50 -21.86 -30.39 2.33
N ASN A 51 -22.08 -31.55 1.70
CA ASN A 51 -21.04 -32.60 1.60
C ASN A 51 -19.85 -32.10 0.78
N SER A 52 -20.08 -31.18 -0.15
CA SER A 52 -19.01 -30.61 -1.01
C SER A 52 -18.03 -29.80 -0.15
N HIS A 53 -18.36 -29.51 1.11
CA HIS A 53 -17.51 -28.73 2.06
C HIS A 53 -16.51 -29.64 2.76
N GLU A 54 -16.72 -30.96 2.74
CA GLU A 54 -15.86 -31.92 3.50
C GLU A 54 -14.40 -31.69 3.14
N GLY A 55 -13.52 -31.50 4.14
CA GLY A 55 -12.07 -31.37 3.91
C GLY A 55 -11.69 -29.97 3.51
N LYS A 56 -12.65 -29.05 3.38
CA LYS A 56 -12.32 -27.66 2.97
C LYS A 56 -11.95 -26.81 4.20
N THR A 57 -11.21 -25.73 3.93
CA THR A 57 -10.76 -24.72 4.90
C THR A 57 -11.72 -23.52 4.92
N PHE A 58 -12.16 -23.16 6.11
CA PHE A 58 -13.01 -21.99 6.42
C PHE A 58 -12.20 -21.03 7.28
N TYR A 59 -12.27 -19.74 6.99
CA TYR A 59 -11.72 -18.69 7.88
C TYR A 59 -12.74 -18.46 9.00
N VAL A 60 -12.24 -18.25 10.20
CA VAL A 60 -13.06 -17.85 11.39
C VAL A 60 -12.36 -16.67 12.04
N LEU A 61 -13.04 -16.05 13.00
CA LEU A 61 -12.51 -14.90 13.80
C LEU A 61 -11.58 -15.44 14.88
N PRO A 62 -10.49 -14.72 15.21
CA PRO A 62 -9.53 -15.15 16.24
C PRO A 62 -10.11 -14.96 17.65
N ASN A 63 -10.98 -15.87 18.08
CA ASN A 63 -11.77 -15.72 19.32
C ASN A 63 -11.29 -16.71 20.40
N ASP A 64 -10.11 -17.32 20.30
CA ASP A 64 -9.44 -18.02 21.44
C ASP A 64 -7.95 -17.66 21.38
N ASP A 65 -7.18 -18.09 22.37
CA ASP A 65 -5.77 -17.66 22.48
CA ASP A 65 -5.72 -17.78 22.54
C ASP A 65 -4.94 -18.27 21.32
N THR A 66 -5.17 -19.52 20.92
CA THR A 66 -4.43 -20.16 19.79
C THR A 66 -4.62 -19.32 18.51
N LEU A 67 -5.86 -18.95 18.18
CA LEU A 67 -6.16 -18.24 16.91
C LEU A 67 -5.63 -16.81 17.04
N ARG A 68 -5.69 -16.23 18.23
CA ARG A 68 -5.20 -14.85 18.44
C ARG A 68 -3.71 -14.83 18.15
N VAL A 69 -2.97 -15.82 18.64
CA VAL A 69 -1.50 -15.83 18.41
C VAL A 69 -1.22 -16.05 16.92
N GLU A 70 -1.90 -17.00 16.27
CA GLU A 70 -1.75 -17.24 14.82
C GLU A 70 -2.09 -15.94 14.05
N ALA A 71 -3.18 -15.27 14.37
CA ALA A 71 -3.61 -14.09 13.58
C ALA A 71 -2.57 -12.96 13.74
N PHE A 72 -2.11 -12.71 14.96
CA PHE A 72 -1.13 -11.63 15.20
C PHE A 72 0.18 -11.97 14.50
N GLU A 73 0.65 -13.20 14.63
CA GLU A 73 1.93 -13.61 13.99
C GLU A 73 1.86 -13.45 12.47
N TYR A 74 0.73 -13.71 11.84
CA TYR A 74 0.63 -13.67 10.37
C TYR A 74 0.38 -12.22 9.91
N TYR A 75 -0.52 -11.47 10.57
CA TYR A 75 -1.04 -10.17 10.07
C TYR A 75 -0.44 -8.95 10.77
N HIS A 76 0.16 -9.09 11.95
CA HIS A 76 0.67 -7.95 12.77
C HIS A 76 -0.46 -6.94 13.08
N THR A 77 -1.69 -7.36 13.28
CA THR A 77 -2.79 -6.45 13.71
C THR A 77 -3.67 -7.23 14.69
N THR A 78 -4.14 -6.55 15.74
CA THR A 78 -5.16 -7.08 16.67
C THR A 78 -6.48 -6.30 16.47
N ASP A 79 -6.67 -5.68 15.31
CA ASP A 79 -7.94 -4.97 15.04
C ASP A 79 -9.01 -6.06 14.94
N PRO A 80 -10.04 -6.06 15.82
CA PRO A 80 -11.01 -7.15 15.80
C PRO A 80 -11.73 -7.35 14.45
N SER A 81 -12.05 -6.26 13.75
CA SER A 81 -12.82 -6.31 12.47
C SER A 81 -11.90 -6.59 11.26
N PHE A 82 -10.59 -6.76 11.47
CA PHE A 82 -9.59 -6.92 10.36
C PHE A 82 -9.95 -8.12 9.48
N LEU A 83 -10.13 -9.30 10.07
CA LEU A 83 -10.30 -10.55 9.28
C LEU A 83 -11.57 -10.46 8.43
N GLY A 84 -12.67 -9.96 9.00
CA GLY A 84 -13.93 -9.74 8.26
C GLY A 84 -13.77 -8.76 7.11
N ARG A 85 -13.01 -7.68 7.32
CA ARG A 85 -12.71 -6.70 6.25
C ARG A 85 -11.92 -7.41 5.15
N TYR A 86 -10.95 -8.24 5.50
CA TYR A 86 -10.06 -8.93 4.54
C TYR A 86 -10.93 -9.85 3.69
N MET A 87 -11.81 -10.61 4.33
CA MET A 87 -12.66 -11.60 3.63
C MET A 87 -13.64 -10.88 2.72
N SER A 88 -14.28 -9.80 3.19
CA SER A 88 -15.26 -9.03 2.37
C SER A 88 -14.57 -8.45 1.12
N ALA A 89 -13.37 -7.89 1.27
CA ALA A 89 -12.61 -7.36 0.11
C ALA A 89 -12.26 -8.52 -0.84
N LEU A 90 -11.83 -9.65 -0.31
CA LEU A 90 -11.26 -10.74 -1.13
C LEU A 90 -12.35 -11.27 -2.06
N ASN A 91 -13.57 -11.29 -1.53
CA ASN A 91 -14.75 -11.75 -2.30
C ASN A 91 -14.87 -10.92 -3.59
N HIS A 92 -14.46 -9.65 -3.58
CA HIS A 92 -14.45 -8.74 -4.77
C HIS A 92 -13.11 -8.83 -5.52
N THR A 93 -11.98 -8.78 -4.83
CA THR A 93 -10.67 -8.68 -5.53
C THR A 93 -10.40 -9.99 -6.30
N LYS A 94 -10.96 -11.11 -5.85
CA LYS A 94 -10.84 -12.43 -6.54
C LYS A 94 -11.34 -12.32 -7.98
N LYS A 95 -12.25 -11.39 -8.25
CA LYS A 95 -12.87 -11.28 -9.57
C LYS A 95 -12.32 -10.11 -10.37
N TRP A 96 -11.43 -9.31 -9.80
CA TRP A 96 -10.64 -8.33 -10.60
C TRP A 96 -9.69 -9.08 -11.54
N LYS A 97 -9.23 -8.34 -12.57
CA LYS A 97 -8.23 -8.84 -13.53
C LYS A 97 -6.94 -8.11 -13.24
N TYR A 98 -5.84 -8.84 -13.37
CA TYR A 98 -4.46 -8.39 -13.07
C TYR A 98 -3.61 -8.62 -14.31
N PRO A 99 -3.78 -7.81 -15.36
CA PRO A 99 -2.98 -7.98 -16.57
C PRO A 99 -1.54 -7.51 -16.33
N GLN A 100 -0.60 -8.16 -17.03
CA GLN A 100 0.84 -7.75 -17.06
C GLN A 100 0.96 -6.60 -18.02
N VAL A 101 1.35 -5.44 -17.54
CA VAL A 101 1.54 -4.22 -18.37
C VAL A 101 3.01 -3.82 -18.24
N ASN A 102 3.73 -3.83 -19.37
CA ASN A 102 5.16 -3.46 -19.45
C ASN A 102 5.94 -4.24 -18.37
N GLY A 103 5.60 -5.52 -18.21
CA GLY A 103 6.30 -6.45 -17.30
C GLY A 103 5.87 -6.30 -15.83
N LEU A 104 4.91 -5.44 -15.49
CA LEU A 104 4.44 -5.23 -14.10
C LEU A 104 3.02 -5.78 -13.95
N THR A 105 2.68 -6.31 -12.80
CA THR A 105 1.26 -6.62 -12.49
C THR A 105 0.53 -5.30 -12.27
N SER A 106 -0.49 -5.02 -13.08
CA SER A 106 -1.45 -3.91 -12.89
C SER A 106 -2.81 -4.46 -12.46
N ILE A 107 -3.83 -3.61 -12.47
CA ILE A 107 -5.22 -4.02 -12.15
C ILE A 107 -6.13 -3.35 -13.17
N LYS A 108 -6.98 -4.14 -13.81
CA LYS A 108 -8.04 -3.60 -14.67
C LYS A 108 -8.97 -2.79 -13.80
N TRP A 109 -9.39 -1.63 -14.30
CA TRP A 109 -10.20 -0.68 -13.52
C TRP A 109 -11.50 -1.37 -13.11
N ALA A 110 -11.83 -1.29 -11.82
CA ALA A 110 -13.16 -1.62 -11.26
C ALA A 110 -13.25 -0.95 -9.90
N ASP A 111 -14.43 -0.51 -9.48
CA ASP A 111 -14.70 -0.21 -8.06
C ASP A 111 -13.71 0.84 -7.51
N ASN A 112 -13.39 1.89 -8.26
CA ASN A 112 -12.47 2.98 -7.82
C ASN A 112 -11.07 2.48 -7.41
N ASN A 113 -10.56 1.45 -8.08
CA ASN A 113 -9.31 0.76 -7.67
C ASN A 113 -8.09 1.40 -8.34
N CYS A 114 -8.25 2.56 -8.99
CA CYS A 114 -7.13 3.25 -9.70
C CYS A 114 -5.99 3.57 -8.71
N TYR A 115 -6.30 3.97 -7.47
CA TYR A 115 -5.28 4.30 -6.46
C TYR A 115 -4.49 3.03 -6.12
N LEU A 116 -5.16 1.88 -6.07
CA LEU A 116 -4.50 0.60 -5.77
C LEU A 116 -3.60 0.17 -6.91
N ALA A 117 -4.04 0.32 -8.16
CA ALA A 117 -3.23 -0.08 -9.34
C ALA A 117 -1.94 0.74 -9.32
N THR A 118 -2.01 2.05 -9.13
CA THR A 118 -0.76 2.87 -9.15
C THR A 118 0.11 2.49 -7.95
N ALA A 119 -0.48 2.25 -6.77
CA ALA A 119 0.30 1.79 -5.59
C ALA A 119 1.02 0.47 -5.92
N LEU A 120 0.30 -0.51 -6.46
CA LEU A 120 0.87 -1.84 -6.78
C LEU A 120 1.99 -1.68 -7.80
N LEU A 121 1.79 -0.86 -8.81
CA LEU A 121 2.80 -0.64 -9.88
C LEU A 121 4.05 0.02 -9.28
N THR A 122 3.85 0.95 -8.35
CA THR A 122 4.96 1.64 -7.65
C THR A 122 5.80 0.63 -6.82
N LEU A 123 5.14 -0.24 -6.06
CA LEU A 123 5.87 -1.19 -5.17
C LEU A 123 6.84 -2.02 -6.01
N GLN A 124 6.42 -2.41 -7.22
CA GLN A 124 7.24 -3.32 -8.05
C GLN A 124 8.46 -2.58 -8.63
N GLN A 125 8.58 -1.28 -8.43
CA GLN A 125 9.73 -0.48 -8.95
C GLN A 125 10.63 0.04 -7.84
N ILE A 126 10.32 -0.21 -6.56
CA ILE A 126 11.14 0.27 -5.41
C ILE A 126 11.55 -0.92 -4.55
N GLU A 127 12.67 -0.76 -3.85
CA GLU A 127 13.23 -1.82 -2.98
CA GLU A 127 13.23 -1.84 -2.98
C GLU A 127 12.55 -1.74 -1.61
N LEU A 128 11.75 -2.73 -1.27
CA LEU A 128 10.91 -2.73 -0.06
C LEU A 128 10.65 -4.19 0.35
N LYS A 129 10.78 -4.54 1.64
CA LYS A 129 10.36 -5.86 2.15
CA LYS A 129 10.36 -5.85 2.15
C LYS A 129 9.32 -5.64 3.25
N PHE A 130 8.21 -6.37 3.17
CA PHE A 130 7.15 -6.33 4.21
C PHE A 130 7.54 -7.15 5.44
N ASN A 131 7.08 -6.71 6.61
CA ASN A 131 7.28 -7.39 7.90
C ASN A 131 6.20 -8.45 8.11
N PRO A 132 4.87 -8.18 8.00
CA PRO A 132 3.89 -9.25 8.21
C PRO A 132 4.01 -10.36 7.19
N PRO A 133 4.09 -11.65 7.62
CA PRO A 133 4.13 -12.76 6.67
C PRO A 133 2.96 -12.68 5.67
N ALA A 134 1.80 -12.19 6.09
CA ALA A 134 0.62 -12.07 5.21
C ALA A 134 0.97 -11.23 3.98
N LEU A 135 1.63 -10.10 4.17
CA LEU A 135 2.02 -9.19 3.09
C LEU A 135 3.18 -9.81 2.30
N GLN A 136 4.13 -10.47 2.94
CA GLN A 136 5.24 -11.13 2.22
C GLN A 136 4.68 -12.14 1.23
N ASP A 137 3.82 -13.04 1.72
CA ASP A 137 3.27 -14.15 0.92
C ASP A 137 2.36 -13.57 -0.17
N ALA A 138 1.48 -12.63 0.16
CA ALA A 138 0.56 -12.05 -0.84
C ALA A 138 1.32 -11.20 -1.87
N TYR A 139 2.36 -10.47 -1.48
CA TYR A 139 3.11 -9.58 -2.42
C TYR A 139 3.88 -10.48 -3.40
N TYR A 140 4.46 -11.57 -2.91
CA TYR A 140 5.12 -12.59 -3.77
C TYR A 140 4.11 -13.07 -4.84
N ARG A 141 2.88 -13.38 -4.45
CA ARG A 141 1.86 -13.85 -5.42
C ARG A 141 1.49 -12.72 -6.40
N ALA A 142 1.30 -11.49 -5.90
CA ALA A 142 0.96 -10.33 -6.74
C ALA A 142 2.03 -10.11 -7.83
N ARG A 143 3.31 -10.20 -7.46
CA ARG A 143 4.43 -10.06 -8.42
C ARG A 143 4.32 -11.14 -9.50
N ALA A 144 3.84 -12.34 -9.16
CA ALA A 144 3.73 -13.47 -10.11
C ALA A 144 2.44 -13.31 -10.94
N GLY A 145 1.54 -12.42 -10.54
CA GLY A 145 0.34 -12.10 -11.33
C GLY A 145 -0.97 -12.33 -10.59
N GLU A 146 -0.94 -12.97 -9.41
CA GLU A 146 -2.18 -13.33 -8.68
C GLU A 146 -2.30 -12.39 -7.49
N ALA A 147 -2.85 -11.20 -7.72
CA ALA A 147 -2.75 -10.09 -6.75
C ALA A 147 -4.00 -9.95 -5.91
N ALA A 148 -4.97 -10.87 -6.02
CA ALA A 148 -6.28 -10.74 -5.34
C ALA A 148 -6.08 -10.64 -3.81
N ASN A 149 -5.25 -11.50 -3.23
CA ASN A 149 -4.99 -11.49 -1.76
C ASN A 149 -4.29 -10.21 -1.33
N PHE A 150 -3.25 -9.82 -2.05
CA PHE A 150 -2.49 -8.58 -1.78
C PHE A 150 -3.44 -7.37 -1.83
N CYS A 151 -4.32 -7.26 -2.83
CA CYS A 151 -5.24 -6.12 -2.93
C CYS A 151 -6.22 -6.14 -1.74
N ALA A 152 -6.78 -7.31 -1.42
CA ALA A 152 -7.70 -7.46 -0.27
C ALA A 152 -7.01 -7.06 1.02
N LEU A 153 -5.75 -7.43 1.21
CA LEU A 153 -4.98 -7.09 2.41
C LEU A 153 -4.74 -5.57 2.46
N ILE A 154 -4.38 -4.92 1.37
CA ILE A 154 -4.21 -3.44 1.38
C ILE A 154 -5.51 -2.78 1.81
N LEU A 155 -6.62 -3.17 1.19
CA LEU A 155 -7.96 -2.67 1.56
C LEU A 155 -8.18 -2.87 3.07
N ALA A 156 -7.91 -4.05 3.61
CA ALA A 156 -8.17 -4.36 5.04
C ALA A 156 -7.24 -3.56 5.94
N TYR A 157 -5.94 -3.55 5.69
CA TYR A 157 -4.97 -2.78 6.52
C TYR A 157 -5.32 -1.29 6.48
N CYS A 158 -5.80 -0.78 5.34
CA CYS A 158 -6.04 0.69 5.17
C CYS A 158 -7.45 1.07 5.63
N ASN A 159 -8.32 0.10 5.96
CA ASN A 159 -9.73 0.36 6.35
C ASN A 159 -10.48 1.07 5.21
N LYS A 160 -10.29 0.55 4.01
CA LYS A 160 -10.98 0.99 2.78
C LYS A 160 -11.84 -0.18 2.32
N THR A 161 -13.07 0.09 1.92
CA THR A 161 -13.95 -0.93 1.31
C THR A 161 -13.80 -0.83 -0.20
N VAL A 162 -13.98 -1.95 -0.89
CA VAL A 162 -14.05 -2.01 -2.36
C VAL A 162 -15.05 -0.92 -2.73
N GLY A 163 -14.72 -0.04 -3.68
CA GLY A 163 -15.62 1.02 -4.15
C GLY A 163 -15.20 2.39 -3.64
N GLU A 164 -14.42 2.46 -2.57
CA GLU A 164 -14.00 3.75 -1.98
C GLU A 164 -12.73 4.24 -2.68
N LEU A 165 -12.63 5.53 -2.98
CA LEU A 165 -11.44 6.11 -3.65
C LEU A 165 -10.47 6.57 -2.57
N GLY A 166 -9.31 5.93 -2.46
CA GLY A 166 -8.28 6.30 -1.47
C GLY A 166 -7.27 7.26 -2.07
N ASP A 167 -6.41 7.79 -1.22
CA ASP A 167 -5.24 8.62 -1.58
C ASP A 167 -4.04 7.69 -1.70
N VAL A 168 -3.28 7.83 -2.79
CA VAL A 168 -2.09 6.97 -3.00
C VAL A 168 -1.07 7.22 -1.89
N ARG A 169 -0.74 8.47 -1.56
CA ARG A 169 0.29 8.79 -0.56
C ARG A 169 -0.10 8.15 0.79
N GLU A 170 -1.37 8.28 1.18
CA GLU A 170 -1.84 7.73 2.48
C GLU A 170 -1.65 6.20 2.45
N THR A 171 -2.05 5.57 1.36
CA THR A 171 -2.00 4.10 1.20
C THR A 171 -0.54 3.65 1.30
N MET A 172 0.38 4.32 0.60
CA MET A 172 1.81 3.96 0.63
C MET A 172 2.33 4.14 2.06
N SER A 173 1.88 5.18 2.75
CA SER A 173 2.25 5.47 4.15
C SER A 173 1.93 4.27 5.07
N TYR A 174 0.73 3.70 4.96
CA TYR A 174 0.29 2.52 5.76
CA TYR A 174 0.34 2.54 5.81
C TYR A 174 1.18 1.32 5.43
N LEU A 175 1.42 1.08 4.14
CA LEU A 175 2.26 -0.05 3.68
C LEU A 175 3.71 0.14 4.15
N PHE A 176 4.25 1.35 4.08
CA PHE A 176 5.60 1.66 4.62
C PHE A 176 5.70 1.37 6.12
N GLN A 177 4.66 1.66 6.91
CA GLN A 177 4.65 1.37 8.38
CA GLN A 177 4.61 1.36 8.38
C GLN A 177 4.85 -0.13 8.63
N HIS A 178 4.43 -0.99 7.69
CA HIS A 178 4.53 -2.46 7.82
C HIS A 178 5.73 -2.98 7.03
N ALA A 179 6.67 -2.14 6.68
CA ALA A 179 7.84 -2.55 5.87
C ALA A 179 9.08 -2.30 6.69
N ASN A 180 10.19 -2.93 6.31
CA ASN A 180 11.46 -2.71 7.04
C ASN A 180 12.16 -1.46 6.49
N LEU A 181 11.88 -0.30 7.07
CA LEU A 181 12.56 0.98 6.69
C LEU A 181 13.44 1.49 7.84
N ASP A 182 13.86 0.62 8.76
CA ASP A 182 14.64 0.98 9.98
C ASP A 182 16.00 1.61 9.62
N SER A 183 16.71 1.13 8.60
CA SER A 183 17.97 1.74 8.07
C SER A 183 17.74 3.18 7.58
N CYS A 184 16.51 3.59 7.22
CA CYS A 184 16.32 4.88 6.50
C CYS A 184 16.58 6.07 7.45
N LYS A 185 17.35 7.03 6.96
CA LYS A 185 17.71 8.23 7.75
C LYS A 185 17.70 9.48 6.84
N ARG A 186 17.13 10.55 7.39
CA ARG A 186 17.03 11.89 6.75
C ARG A 186 17.49 12.93 7.77
N VAL A 187 18.34 13.84 7.36
CA VAL A 187 18.73 15.05 8.16
C VAL A 187 18.26 16.30 7.38
N LEU A 188 17.47 17.15 8.03
CA LEU A 188 16.91 18.40 7.46
C LEU A 188 17.50 19.61 8.21
N ASN A 189 17.64 20.74 7.52
CA ASN A 189 17.99 22.03 8.16
C ASN A 189 17.00 23.11 7.71
N VAL A 190 16.42 23.83 8.69
CA VAL A 190 15.48 24.97 8.51
C VAL A 190 16.20 26.27 8.92
N VAL A 191 16.46 27.16 7.96
CA VAL A 191 17.16 28.47 8.13
C VAL A 191 16.12 29.62 8.08
N CYS A 192 15.92 30.32 9.21
CA CYS A 192 15.19 31.62 9.28
C CYS A 192 16.20 32.76 9.50
N LYS A 193 16.21 33.74 8.58
CA LYS A 193 17.07 34.94 8.70
CA LYS A 193 17.06 34.96 8.70
C LYS A 193 16.94 35.51 10.12
N THR A 194 15.71 35.81 10.55
CA THR A 194 15.37 36.25 11.94
C THR A 194 15.94 35.22 12.93
N CYS A 195 15.43 33.98 12.93
CA CYS A 195 15.58 32.98 14.04
C CYS A 195 16.85 32.10 13.91
N GLY A 196 17.61 32.20 12.82
CA GLY A 196 18.82 31.37 12.58
C GLY A 196 18.48 29.98 12.02
N GLN A 197 19.01 28.91 12.64
CA GLN A 197 19.02 27.51 12.13
C GLN A 197 18.29 26.55 13.07
N GLN A 198 17.92 25.37 12.56
CA GLN A 198 17.30 24.27 13.35
C GLN A 198 17.39 22.97 12.53
N GLN A 199 18.27 22.06 12.95
CA GLN A 199 18.50 20.77 12.27
C GLN A 199 17.55 19.73 12.86
N THR A 200 16.93 18.94 12.00
CA THR A 200 16.01 17.82 12.34
C THR A 200 16.58 16.53 11.73
N THR A 201 16.50 15.42 12.47
CA THR A 201 16.75 14.05 11.96
C THR A 201 15.42 13.30 11.93
N LEU A 202 15.08 12.69 10.79
CA LEU A 202 13.93 11.77 10.69
C LEU A 202 14.46 10.35 10.49
N LYS A 203 13.66 9.36 10.93
CA LYS A 203 14.01 7.91 10.84
C LYS A 203 12.81 7.15 10.27
N GLY A 204 13.05 5.97 9.70
CA GLY A 204 12.02 5.07 9.14
C GLY A 204 11.18 5.74 8.07
N VAL A 205 9.86 5.59 8.17
CA VAL A 205 8.89 6.07 7.16
C VAL A 205 9.04 7.60 6.97
N GLU A 206 9.17 8.38 8.04
CA GLU A 206 9.25 9.85 7.92
C GLU A 206 10.53 10.24 7.16
N ALA A 207 11.53 9.35 7.06
CA ALA A 207 12.79 9.65 6.36
C ALA A 207 12.62 9.52 4.85
N VAL A 208 11.56 8.88 4.36
CA VAL A 208 11.42 8.64 2.88
C VAL A 208 10.25 9.42 2.26
N MET A 209 9.49 10.16 3.05
CA MET A 209 8.26 10.86 2.59
C MET A 209 8.41 12.35 2.87
N TYR A 210 8.02 13.18 1.90
CA TYR A 210 7.95 14.65 2.08
C TYR A 210 6.71 15.16 1.37
N MET A 211 5.99 16.06 2.04
CA MET A 211 4.79 16.75 1.50
C MET A 211 5.11 18.24 1.31
N GLY A 212 5.06 18.71 0.07
CA GLY A 212 5.18 20.16 -0.24
C GLY A 212 5.88 20.41 -1.55
N THR A 213 6.76 19.52 -2.01
CA THR A 213 7.32 19.62 -3.38
C THR A 213 7.49 18.25 -4.02
N LEU A 214 7.40 18.19 -5.36
CA LEU A 214 7.56 16.92 -6.13
C LEU A 214 9.02 16.72 -6.53
N SER A 215 9.80 17.80 -6.51
CA SER A 215 11.18 17.85 -7.07
C SER A 215 12.19 17.47 -5.98
N TYR A 216 12.89 16.35 -6.17
CA TYR A 216 14.01 15.91 -5.29
C TYR A 216 15.15 16.95 -5.39
N GLU A 217 15.43 17.44 -6.59
CA GLU A 217 16.46 18.51 -6.81
C GLU A 217 16.09 19.77 -6.02
N GLN A 218 14.84 20.23 -6.01
CA GLN A 218 14.42 21.46 -5.28
C GLN A 218 14.52 21.28 -3.75
N PHE A 219 14.14 20.09 -3.25
CA PHE A 219 14.29 19.69 -1.83
C PHE A 219 15.76 19.84 -1.42
N LYS A 220 16.70 19.46 -2.30
CA LYS A 220 18.16 19.53 -2.06
C LYS A 220 18.65 21.00 -2.03
N LYS A 221 18.09 21.88 -2.86
CA LYS A 221 18.50 23.31 -2.96
C LYS A 221 17.79 24.13 -1.90
N GLY A 222 16.50 23.91 -1.66
CA GLY A 222 15.74 24.43 -0.51
C GLY A 222 14.33 24.87 -0.90
N VAL A 223 13.39 24.84 0.04
CA VAL A 223 11.95 25.16 -0.20
C VAL A 223 11.50 26.12 0.91
N GLN A 224 10.58 27.03 0.59
CA GLN A 224 10.16 28.09 1.54
C GLN A 224 8.98 27.55 2.35
N ILE A 225 9.04 27.67 3.68
CA ILE A 225 7.96 27.20 4.61
C ILE A 225 7.68 28.30 5.63
N PRO A 226 6.47 28.33 6.21
CA PRO A 226 6.14 29.29 7.27
C PRO A 226 6.98 29.11 8.53
N CYS A 227 7.45 30.21 9.14
CA CYS A 227 8.04 30.23 10.50
C CYS A 227 7.06 30.87 11.49
N THR A 228 7.11 30.47 12.77
CA THR A 228 6.22 30.99 13.85
C THR A 228 6.37 32.53 13.93
N CYS A 229 7.56 33.09 13.66
CA CYS A 229 7.82 34.57 13.73
C CYS A 229 7.01 35.35 12.66
N GLY A 230 6.41 34.65 11.68
CA GLY A 230 5.59 35.24 10.59
C GLY A 230 6.36 35.40 9.25
N LYS A 231 7.70 35.24 9.29
CA LYS A 231 8.54 35.21 8.05
C LYS A 231 8.41 33.84 7.37
N GLN A 232 9.00 33.75 6.17
CA GLN A 232 9.26 32.51 5.41
C GLN A 232 10.68 32.02 5.71
N ALA A 233 10.78 30.76 6.16
CA ALA A 233 12.04 30.04 6.46
C ALA A 233 12.34 29.09 5.28
N THR A 234 13.62 28.73 5.13
CA THR A 234 14.13 27.81 4.07
C THR A 234 14.48 26.44 4.68
N LYS A 235 14.01 25.35 4.07
CA LYS A 235 14.28 23.95 4.49
C LYS A 235 14.97 23.22 3.33
N TYR A 236 16.14 22.61 3.55
CA TYR A 236 16.82 21.79 2.52
C TYR A 236 17.33 20.46 3.13
N LEU A 237 17.72 19.55 2.24
CA LEU A 237 18.13 18.16 2.59
C LEU A 237 19.64 18.13 2.88
N VAL A 238 20.02 17.88 4.12
CA VAL A 238 21.44 17.72 4.55
C VAL A 238 21.94 16.32 4.16
N GLN A 239 21.21 15.27 4.56
CA GLN A 239 21.66 13.87 4.36
C GLN A 239 20.47 12.90 4.24
N GLN A 240 20.64 11.86 3.40
CA GLN A 240 19.61 10.85 3.03
C GLN A 240 20.32 9.49 2.87
N GLU A 241 19.82 8.50 3.61
CA GLU A 241 20.20 7.06 3.51
C GLU A 241 18.89 6.30 3.38
N SER A 242 18.58 5.84 2.17
CA SER A 242 17.34 5.09 1.86
C SER A 242 17.50 4.60 0.44
N PRO A 243 16.82 3.50 0.08
CA PRO A 243 16.86 3.01 -1.30
C PRO A 243 15.93 3.76 -2.27
N PHE A 244 15.04 4.61 -1.76
CA PHE A 244 14.15 5.45 -2.58
C PHE A 244 13.73 6.64 -1.72
N VAL A 245 13.11 7.62 -2.34
CA VAL A 245 12.37 8.71 -1.65
C VAL A 245 11.07 8.91 -2.41
N MET A 246 10.05 9.34 -1.69
CA MET A 246 8.74 9.72 -2.23
C MET A 246 8.53 11.20 -1.92
N MET A 247 8.35 12.00 -2.97
CA MET A 247 8.10 13.45 -2.90
C MET A 247 6.64 13.61 -3.29
N SER A 248 5.86 14.28 -2.45
CA SER A 248 4.40 14.42 -2.61
C SER A 248 4.00 15.90 -2.59
N ALA A 249 2.91 16.23 -3.24
CA ALA A 249 2.34 17.58 -3.15
C ALA A 249 0.87 17.53 -3.57
N PRO A 250 0.08 18.55 -3.15
CA PRO A 250 -1.25 18.73 -3.71
C PRO A 250 -1.14 18.64 -5.23
N PRO A 251 -2.11 18.00 -5.90
CA PRO A 251 -2.07 17.86 -7.35
C PRO A 251 -1.98 19.21 -8.07
N ALA A 252 -1.04 19.36 -9.00
CA ALA A 252 -0.76 20.59 -9.76
C ALA A 252 -0.04 20.16 -11.03
N GLN A 253 -0.28 20.89 -12.13
CA GLN A 253 0.36 20.68 -13.43
C GLN A 253 1.86 20.63 -13.19
N TYR A 254 2.52 19.59 -13.68
CA TYR A 254 3.95 19.32 -13.43
C TYR A 254 4.50 18.54 -14.62
N GLU A 255 5.74 18.85 -14.98
CA GLU A 255 6.39 18.21 -16.15
C GLU A 255 7.30 17.11 -15.61
N LEU A 256 7.06 15.85 -16.03
CA LEU A 256 7.96 14.71 -15.69
C LEU A 256 8.95 14.54 -16.82
N LYS A 257 10.26 14.63 -16.52
CA LYS A 257 11.34 14.56 -17.52
C LYS A 257 11.90 13.16 -17.54
N HIS A 258 11.88 12.50 -18.70
CA HIS A 258 12.43 11.14 -18.89
C HIS A 258 13.81 11.06 -18.25
N GLY A 259 14.08 10.01 -17.48
CA GLY A 259 15.41 9.70 -16.92
C GLY A 259 15.68 10.41 -15.60
N THR A 260 14.78 11.25 -15.08
CA THR A 260 15.06 12.07 -13.86
C THR A 260 14.31 11.53 -12.63
N PHE A 261 13.58 10.43 -12.77
CA PHE A 261 12.70 9.92 -11.68
C PHE A 261 12.42 8.44 -11.98
N THR A 262 11.84 7.72 -11.03
CA THR A 262 11.52 6.28 -11.19
C THR A 262 10.09 6.17 -11.68
N CYS A 263 9.13 6.67 -10.91
CA CYS A 263 7.71 6.59 -11.32
C CYS A 263 6.95 7.68 -10.56
N ALA A 264 5.70 7.88 -10.95
CA ALA A 264 4.90 8.97 -10.38
C ALA A 264 3.44 8.61 -10.48
N SER A 265 2.64 9.30 -9.70
CA SER A 265 1.16 9.18 -9.67
C SER A 265 0.56 10.50 -10.09
N GLU A 266 -0.43 10.41 -10.97
CA GLU A 266 -1.19 11.58 -11.47
C GLU A 266 -2.62 11.45 -10.96
N TYR A 267 -3.19 12.53 -10.43
CA TYR A 267 -4.60 12.58 -9.98
C TYR A 267 -5.35 13.66 -10.75
N THR A 268 -6.36 13.21 -11.49
CA THR A 268 -7.25 14.09 -12.27
C THR A 268 -8.61 14.14 -11.58
N GLY A 269 -9.14 15.34 -11.40
CA GLY A 269 -10.57 15.54 -11.07
C GLY A 269 -10.72 16.13 -9.69
N ASN A 270 -11.86 15.87 -9.08
CA ASN A 270 -12.36 16.55 -7.86
C ASN A 270 -12.09 15.68 -6.63
N TYR A 271 -12.40 16.23 -5.45
CA TYR A 271 -12.20 15.58 -4.14
C TYR A 271 -13.10 14.34 -4.07
N GLN A 272 -12.48 13.20 -3.84
CA GLN A 272 -13.13 11.87 -3.65
C GLN A 272 -13.92 11.44 -4.90
N CYS A 273 -13.66 11.98 -6.09
CA CYS A 273 -14.33 11.49 -7.34
CA CYS A 273 -14.36 11.57 -7.34
C CYS A 273 -13.45 11.83 -8.55
N GLY A 274 -12.24 11.29 -8.53
CA GLY A 274 -11.22 11.54 -9.56
C GLY A 274 -10.67 10.22 -10.04
N HIS A 275 -9.48 10.27 -10.63
CA HIS A 275 -8.86 9.07 -11.23
C HIS A 275 -7.36 9.23 -11.17
N TYR A 276 -6.68 8.18 -10.74
CA TYR A 276 -5.21 8.10 -10.72
C TYR A 276 -4.71 7.40 -11.98
N LYS A 277 -3.58 7.89 -12.48
CA LYS A 277 -2.76 7.19 -13.51
C LYS A 277 -1.34 7.08 -12.98
N HIS A 278 -0.59 6.11 -13.51
CA HIS A 278 0.81 5.81 -13.18
C HIS A 278 1.72 6.17 -14.37
N ILE A 279 2.83 6.86 -14.10
CA ILE A 279 3.88 7.15 -15.13
C ILE A 279 5.19 6.53 -14.65
N THR A 280 5.77 5.65 -15.46
CA THR A 280 7.07 5.00 -15.22
C THR A 280 8.10 5.48 -16.27
N SER A 281 9.31 5.85 -15.79
CA SER A 281 10.43 6.29 -16.67
C SER A 281 11.33 5.07 -16.96
N LYS A 282 11.21 4.51 -18.17
CA LYS A 282 12.03 3.36 -18.64
C LYS A 282 12.83 3.84 -19.86
N GLU A 283 12.77 3.12 -20.98
CA GLU A 283 13.43 3.51 -22.25
C GLU A 283 12.66 4.73 -22.79
N THR A 284 11.42 4.93 -22.35
CA THR A 284 10.62 6.16 -22.65
C THR A 284 9.66 6.34 -21.47
N LEU A 285 8.73 7.29 -21.55
CA LEU A 285 7.70 7.50 -20.49
C LEU A 285 6.48 6.68 -20.85
N TYR A 286 6.16 5.69 -20.03
CA TYR A 286 4.94 4.86 -20.15
C TYR A 286 3.91 5.32 -19.13
N CYS A 287 2.69 5.57 -19.60
CA CYS A 287 1.54 5.91 -18.75
C CYS A 287 0.67 4.68 -18.61
N ILE A 288 0.69 4.07 -17.42
CA ILE A 288 -0.11 2.84 -17.16
C ILE A 288 -1.37 3.28 -16.40
N ASP A 289 -2.53 3.03 -17.01
CA ASP A 289 -3.85 3.41 -16.48
C ASP A 289 -4.66 2.11 -16.36
N GLY A 290 -4.43 1.39 -15.27
CA GLY A 290 -5.02 0.06 -15.11
C GLY A 290 -4.52 -0.90 -16.18
N ALA A 291 -5.40 -1.35 -17.08
CA ALA A 291 -5.07 -2.27 -18.18
C ALA A 291 -4.51 -1.52 -19.38
N LEU A 292 -4.64 -0.18 -19.40
CA LEU A 292 -4.36 0.68 -20.58
C LEU A 292 -2.90 1.13 -20.53
N LEU A 293 -2.24 1.19 -21.68
CA LEU A 293 -0.85 1.65 -21.79
C LEU A 293 -0.72 2.61 -22.97
N THR A 294 -0.08 3.77 -22.74
CA THR A 294 0.34 4.75 -23.77
C THR A 294 1.79 5.12 -23.49
N LYS A 295 2.51 5.65 -24.48
CA LYS A 295 3.91 6.14 -24.35
C LYS A 295 4.01 7.58 -24.88
N SER A 296 5.00 8.32 -24.37
CA SER A 296 5.31 9.70 -24.82
C SER A 296 6.77 9.98 -24.48
N SER A 297 7.41 10.92 -25.18
CA SER A 297 8.80 11.36 -24.88
C SER A 297 8.75 12.40 -23.75
N GLU A 298 7.63 13.10 -23.60
CA GLU A 298 7.40 14.16 -22.58
C GLU A 298 6.09 13.87 -21.86
N TYR A 299 5.92 14.35 -20.62
CA TYR A 299 4.65 14.15 -19.89
C TYR A 299 4.39 15.36 -19.00
N LYS A 300 3.16 15.87 -19.08
CA LYS A 300 2.70 16.97 -18.20
C LYS A 300 1.33 16.60 -17.72
N GLY A 301 1.10 16.70 -16.41
CA GLY A 301 -0.22 16.43 -15.82
C GLY A 301 -0.24 16.87 -14.36
N PRO A 302 -1.40 16.65 -13.71
CA PRO A 302 -1.58 16.96 -12.29
C PRO A 302 -0.94 15.83 -11.44
N ILE A 303 0.36 15.96 -11.22
CA ILE A 303 1.17 14.97 -10.46
C ILE A 303 1.01 15.22 -8.96
N THR A 304 0.83 14.13 -8.21
CA THR A 304 0.72 14.12 -6.73
C THR A 304 1.95 13.52 -6.05
N ASP A 305 2.62 12.56 -6.66
CA ASP A 305 3.74 11.82 -6.01
C ASP A 305 4.79 11.47 -7.06
N VAL A 306 6.07 11.61 -6.69
CA VAL A 306 7.19 11.16 -7.54
C VAL A 306 8.17 10.36 -6.68
N PHE A 307 8.55 9.21 -7.19
CA PHE A 307 9.50 8.25 -6.58
C PHE A 307 10.84 8.38 -7.29
N TYR A 308 11.90 8.42 -6.51
CA TYR A 308 13.28 8.59 -7.03
C TYR A 308 14.14 7.52 -6.39
N LYS A 309 15.10 6.99 -7.12
CA LYS A 309 16.11 6.05 -6.55
C LYS A 309 17.04 6.82 -5.62
N GLU A 310 17.62 6.13 -4.67
CA GLU A 310 18.57 6.76 -3.73
C GLU A 310 19.42 5.62 -3.19
N ASN A 311 20.56 5.99 -2.61
CA ASN A 311 21.35 5.10 -1.72
CA ASN A 311 21.35 5.10 -1.73
C ASN A 311 21.85 5.97 -0.58
N SER A 312 22.82 6.85 -0.88
CA SER A 312 23.42 7.79 0.09
C SER A 312 23.59 9.17 -0.55
N TYR A 313 23.11 10.24 0.10
CA TYR A 313 23.30 11.65 -0.33
C TYR A 313 23.71 12.51 0.87
N THR A 314 24.74 13.32 0.64
CA THR A 314 25.25 14.35 1.57
C THR A 314 25.26 15.70 0.77
N THR A 315 24.67 16.74 1.34
CA THR A 315 24.65 18.13 0.74
C THR A 315 26.10 18.65 0.68
N THR A 316 26.39 19.53 -0.30
CA THR A 316 27.65 20.34 -0.36
C THR A 316 27.42 21.73 0.29
N ILE A 317 26.16 22.12 0.46
CA ILE A 317 25.71 23.37 1.16
C ILE A 317 26.28 23.41 2.59
N LYS A 318 27.05 24.46 2.92
CA LYS A 318 27.59 24.70 4.28
C LYS A 318 26.82 25.89 4.87
O18 L30 B . -7.14 15.43 -1.87
C6 L30 B . -6.59 14.35 -2.12
C7 L30 B . -7.43 13.25 -2.74
C8 L30 B . -8.84 13.36 -2.81
C10 L30 B . -9.57 12.30 -3.33
C12 L30 B . -8.92 11.17 -3.78
N13 L30 B . -7.57 11.08 -3.66
C15 L30 B . -6.81 12.08 -3.17
N5 L30 B . -5.30 13.97 -1.81
C4 L30 B . -4.35 14.76 -1.18
C3 L30 B . -3.18 15.12 -1.85
C2 L30 B . -2.28 16.04 -1.32
C1 L30 B . -2.53 16.68 -0.11
C22 L30 B . -3.68 16.41 0.60
C24 L30 B . -3.96 17.05 1.80
C26 L30 B . -5.12 16.72 2.52
C28 L30 B . -6.06 15.78 2.02
C20 L30 B . -5.82 15.16 0.81
C21 L30 B . -4.66 15.43 0.09
ZN ZN C . 11.64 32.86 12.33
CL CL D . 8.08 -8.72 1.00
#